data_3Q2G
#
_entry.id   3Q2G
#
_cell.length_a   51.309
_cell.length_b   63.419
_cell.length_c   114.912
_cell.angle_alpha   90.00
_cell.angle_beta   89.88
_cell.angle_gamma   90.00
#
_symmetry.space_group_name_H-M   'P 1 21 1'
#
loop_
_entity.id
_entity.type
_entity.pdbx_description
1 polymer 'A disintegrin and metalloproteinase with thrombospondin motifs 1'
2 non-polymer N-[(2S,4S)-1-({4-[(2,4-dichlorobenzyl)oxy]piperidin-1-yl}sulfonyl)-4-(5-fluoropyrimidin-2-yl)-2-methylpentan-2-yl]-N-hydroxyformamide
3 non-polymer 'ZINC ION'
4 non-polymer 'CADMIUM ION'
5 non-polymer 'NICKEL (II) ION'
6 non-polymer 'MAGNESIUM ION'
7 non-polymer 'SODIUM ION'
8 water water
#
_entity_poly.entity_id   1
_entity_poly.type   'polypeptide(L)'
_entity_poly.pdbx_seq_one_letter_code
;SHRYVETMLVADQSMAEFHGSGLKHYLLTLFSVAARLYKHPSIRNSVSLVVVKILVIHDEQKGPEVTSNAALTLRNFCNW
QKQHNPPSDRDAEHYDTAILFTRQDLCGSQTCDTLGMADVGTVCDPSRSCSVIEDDGLQAAFTTAHELGHVFNMPHDDAK
QCASLNGVNQDSHMMASMLSNLDHSQPWSPCSAYMITSFLDNGHGECLMDKPQNPIQLPGDLPGTSYDANRQCQFTFGED
SKHCPDAASTCSTLWCTGTSGGVLVCQTKHFPWADGTSCGEGKWCINGKCVNKLVPR
;
_entity_poly.pdbx_strand_id   A,B
#
# COMPACT_ATOMS: atom_id res chain seq x y z
N SER A 1 0.79 -30.11 -21.92
CA SER A 1 -0.53 -29.39 -21.85
C SER A 1 -0.52 -28.31 -20.75
N HIS A 2 -1.28 -27.25 -20.98
CA HIS A 2 -1.24 -26.06 -20.14
C HIS A 2 -2.47 -26.02 -19.21
N ARG A 3 -2.23 -26.08 -17.91
CA ARG A 3 -3.30 -26.04 -16.90
C ARG A 3 -3.44 -24.64 -16.34
N TYR A 4 -4.69 -24.22 -16.14
CA TYR A 4 -5.03 -22.94 -15.57
C TYR A 4 -5.90 -23.17 -14.33
N VAL A 5 -5.41 -22.70 -13.18
CA VAL A 5 -6.08 -22.89 -11.91
C VAL A 5 -6.87 -21.62 -11.63
N GLU A 6 -8.14 -21.65 -11.99
CA GLU A 6 -9.03 -20.54 -11.80
C GLU A 6 -9.37 -20.47 -10.32
N THR A 7 -9.09 -19.31 -9.74
CA THR A 7 -9.07 -19.18 -8.30
C THR A 7 -10.00 -18.05 -7.83
N MET A 8 -10.77 -18.33 -6.77
CA MET A 8 -11.40 -17.27 -5.98
C MET A 8 -10.58 -16.97 -4.73
N LEU A 9 -10.18 -15.72 -4.57
CA LEU A 9 -9.51 -15.29 -3.34
C LEU A 9 -10.55 -14.65 -2.46
N VAL A 10 -10.47 -14.94 -1.15
CA VAL A 10 -11.42 -14.47 -0.15
C VAL A 10 -10.63 -13.95 1.07
N ALA A 11 -10.99 -12.78 1.55
CA ALA A 11 -10.44 -12.19 2.77
C ALA A 11 -11.58 -11.98 3.77
N ASP A 12 -11.34 -12.28 5.02
CA ASP A 12 -12.36 -12.16 6.07
C ASP A 12 -12.34 -10.76 6.72
N GLN A 13 -13.21 -10.53 7.68
CA GLN A 13 -13.34 -9.20 8.31
C GLN A 13 -12.03 -8.68 8.94
N SER A 14 -11.24 -9.56 9.56
CA SER A 14 -9.94 -9.16 10.08
C SER A 14 -9.05 -8.57 8.98
N MET A 15 -9.16 -9.08 7.76
CA MET A 15 -8.32 -8.61 6.67
C MET A 15 -8.77 -7.24 6.18
N ALA A 16 -10.08 -7.10 5.97
CA ALA A 16 -10.67 -5.84 5.54
C ALA A 16 -10.29 -4.71 6.51
N GLU A 17 -10.51 -4.93 7.80
CA GLU A 17 -10.17 -3.95 8.83
C GLU A 17 -8.69 -3.64 8.91
N PHE A 18 -7.85 -4.66 8.83
CA PHE A 18 -6.40 -4.44 8.98
C PHE A 18 -5.84 -3.73 7.75
N HIS A 19 -6.23 -4.20 6.56
CA HIS A 19 -5.69 -3.68 5.32
C HIS A 19 -6.36 -2.44 4.73
N GLY A 20 -7.61 -2.15 5.12
CA GLY A 20 -8.35 -1.04 4.51
C GLY A 20 -8.42 -1.18 2.99
N SER A 21 -8.50 -0.04 2.30
CA SER A 21 -8.59 -0.03 0.84
C SER A 21 -7.50 -0.84 0.10
N GLY A 22 -6.30 -0.90 0.66
CA GLY A 22 -5.23 -1.66 0.02
C GLY A 22 -5.35 -3.18 0.08
N LEU A 23 -6.44 -3.70 0.65
CA LEU A 23 -6.58 -5.15 0.80
C LEU A 23 -6.45 -5.94 -0.52
N LYS A 24 -7.15 -5.55 -1.59
CA LYS A 24 -7.12 -6.34 -2.85
C LYS A 24 -5.77 -6.36 -3.52
N HIS A 25 -5.05 -5.24 -3.51
CA HIS A 25 -3.68 -5.21 -4.08
C HIS A 25 -2.78 -6.19 -3.34
N TYR A 26 -3.01 -6.28 -2.04
CA TYR A 26 -2.21 -7.12 -1.14
C TYR A 26 -2.45 -8.59 -1.44
N LEU A 27 -3.72 -8.94 -1.60
CA LEU A 27 -4.07 -10.29 -1.96
C LEU A 27 -3.43 -10.70 -3.28
N LEU A 28 -3.42 -9.82 -4.29
CA LEU A 28 -2.92 -10.16 -5.64
C LEU A 28 -1.41 -10.11 -5.71
N THR A 29 -0.81 -9.37 -4.79
CA THR A 29 0.63 -9.35 -4.62
C THR A 29 1.10 -10.71 -4.11
N LEU A 30 0.41 -11.23 -3.10
CA LEU A 30 0.70 -12.55 -2.56
C LEU A 30 0.49 -13.63 -3.60
N PHE A 31 -0.61 -13.54 -4.32
CA PHE A 31 -0.93 -14.53 -5.35
C PHE A 31 -0.01 -14.45 -6.59
N SER A 32 0.40 -13.26 -7.02
CA SER A 32 1.43 -13.20 -8.09
C SER A 32 2.73 -13.92 -7.73
N VAL A 33 3.14 -13.88 -6.47
CA VAL A 33 4.32 -14.62 -6.05
C VAL A 33 4.06 -16.14 -6.15
N ALA A 34 2.90 -16.59 -5.70
CA ALA A 34 2.52 -18.00 -5.83
C ALA A 34 2.53 -18.43 -7.28
N ALA A 35 1.98 -17.59 -8.15
CA ALA A 35 1.91 -17.92 -9.57
C ALA A 35 3.30 -18.05 -10.19
N ARG A 36 4.19 -17.13 -9.86
CA ARG A 36 5.59 -17.23 -10.27
C ARG A 36 6.24 -18.54 -9.85
N LEU A 37 6.07 -18.91 -8.58
CA LEU A 37 6.58 -20.19 -8.08
C LEU A 37 6.11 -21.42 -8.86
N TYR A 38 4.86 -21.41 -9.33
CA TYR A 38 4.29 -22.53 -10.05
C TYR A 38 4.68 -22.54 -11.49
N LYS A 39 5.30 -21.44 -11.94
CA LYS A 39 5.89 -21.37 -13.25
C LYS A 39 7.34 -21.82 -13.20
N HIS A 40 7.89 -22.10 -12.02
CA HIS A 40 9.26 -22.59 -11.98
C HIS A 40 9.34 -23.93 -12.70
N PRO A 41 10.33 -24.12 -13.61
CA PRO A 41 10.60 -25.39 -14.32
C PRO A 41 10.70 -26.67 -13.48
N SER A 42 10.95 -26.53 -12.18
CA SER A 42 11.16 -27.67 -11.30
C SER A 42 9.86 -28.40 -10.97
N ILE A 43 8.73 -27.76 -11.24
CA ILE A 43 7.42 -28.42 -11.05
C ILE A 43 7.15 -29.42 -12.17
N ARG A 44 7.83 -29.22 -13.30
CA ARG A 44 7.87 -30.16 -14.42
C ARG A 44 6.52 -30.25 -15.12
N ASN A 45 5.75 -29.18 -14.97
CA ASN A 45 4.39 -29.07 -15.50
C ASN A 45 4.16 -27.61 -15.84
N SER A 46 3.18 -27.35 -16.71
CA SER A 46 2.82 -25.99 -17.09
C SER A 46 1.52 -25.61 -16.40
N VAL A 47 1.62 -24.72 -15.40
CA VAL A 47 0.50 -24.41 -14.50
C VAL A 47 0.34 -22.89 -14.23
N SER A 48 -0.81 -22.32 -14.61
CA SER A 48 -1.07 -20.89 -14.47
C SER A 48 -2.14 -20.61 -13.43
N LEU A 49 -1.72 -20.07 -12.29
CA LEU A 49 -2.65 -19.62 -11.30
C LEU A 49 -3.22 -18.30 -11.80
N VAL A 50 -4.55 -18.22 -11.87
CA VAL A 50 -5.24 -17.00 -12.31
C VAL A 50 -6.40 -16.70 -11.37
N VAL A 51 -6.68 -15.41 -11.23
CA VAL A 51 -7.78 -14.97 -10.39
C VAL A 51 -8.98 -14.66 -11.30
N VAL A 52 -10.13 -15.22 -10.96
CA VAL A 52 -11.39 -14.96 -11.65
C VAL A 52 -12.42 -14.33 -10.72
N LYS A 53 -12.10 -14.26 -9.43
CA LYS A 53 -13.04 -13.74 -8.44
C LYS A 53 -12.34 -13.38 -7.14
N ILE A 54 -12.81 -12.30 -6.50
CA ILE A 54 -12.32 -11.83 -5.20
C ILE A 54 -13.50 -11.38 -4.36
N LEU A 55 -13.61 -11.93 -3.16
CA LEU A 55 -14.66 -11.53 -2.22
C LEU A 55 -14.05 -11.02 -0.94
N VAL A 56 -14.52 -9.88 -0.48
CA VAL A 56 -14.11 -9.36 0.79
C VAL A 56 -15.32 -9.42 1.72
N ILE A 57 -15.13 -10.04 2.88
CA ILE A 57 -16.20 -10.17 3.85
C ILE A 57 -16.06 -9.00 4.81
N HIS A 58 -16.79 -7.93 4.51
CA HIS A 58 -16.85 -6.76 5.40
C HIS A 58 -17.69 -7.08 6.61
N ASP A 59 -18.73 -7.89 6.42
CA ASP A 59 -19.66 -8.28 7.50
C ASP A 59 -19.47 -9.77 7.84
N GLU A 60 -18.99 -10.04 9.06
CA GLU A 60 -18.63 -11.40 9.50
C GLU A 60 -19.75 -12.40 9.21
N GLN A 61 -20.98 -11.97 9.51
CA GLN A 61 -22.15 -12.83 9.36
C GLN A 61 -22.41 -13.22 7.91
N LYS A 62 -21.91 -12.43 6.96
CA LYS A 62 -21.99 -12.78 5.55
C LYS A 62 -20.86 -13.71 5.05
N GLY A 63 -20.01 -14.20 5.96
CA GLY A 63 -18.92 -15.13 5.60
C GLY A 63 -18.92 -16.41 6.40
N PRO A 64 -17.90 -17.25 6.22
CA PRO A 64 -17.83 -18.43 7.06
C PRO A 64 -17.38 -18.06 8.45
N GLU A 65 -17.63 -18.95 9.41
CA GLU A 65 -17.17 -18.73 10.75
C GLU A 65 -15.67 -19.00 10.76
N VAL A 66 -14.89 -17.99 11.13
CA VAL A 66 -13.44 -18.13 11.23
C VAL A 66 -13.05 -18.29 12.69
N THR A 67 -12.30 -19.35 13.00
CA THR A 67 -11.75 -19.57 14.35
C THR A 67 -10.26 -19.94 14.38
N SER A 68 -9.70 -19.94 15.58
CA SER A 68 -8.34 -20.42 15.83
C SER A 68 -8.21 -21.90 15.47
N ASN A 69 -9.34 -22.62 15.50
CA ASN A 69 -9.37 -24.00 15.04
C ASN A 69 -9.18 -24.03 13.53
N ALA A 70 -7.98 -24.37 13.11
CA ALA A 70 -7.58 -24.25 11.71
C ALA A 70 -8.31 -25.29 10.87
N ALA A 71 -8.47 -26.48 11.43
CA ALA A 71 -9.19 -27.57 10.76
C ALA A 71 -10.67 -27.22 10.58
N LEU A 72 -11.30 -26.76 11.65
CA LEU A 72 -12.70 -26.37 11.61
C LEU A 72 -12.91 -25.19 10.69
N THR A 73 -11.88 -24.35 10.53
CA THR A 73 -11.97 -23.15 9.67
C THR A 73 -11.93 -23.52 8.19
N LEU A 74 -11.04 -24.42 7.82
CA LEU A 74 -11.02 -24.96 6.46
C LEU A 74 -12.38 -25.51 6.09
N ARG A 75 -12.93 -26.37 6.96
CA ARG A 75 -14.21 -27.05 6.73
C ARG A 75 -15.35 -26.06 6.62
N ASN A 76 -15.43 -25.14 7.57
CA ASN A 76 -16.38 -24.05 7.49
C ASN A 76 -16.31 -23.30 6.16
N PHE A 77 -15.09 -23.01 5.71
CA PHE A 77 -14.88 -22.23 4.46
C PHE A 77 -15.17 -23.08 3.22
N CYS A 78 -14.79 -24.33 3.26
CA CYS A 78 -15.05 -25.18 2.13
C CYS A 78 -16.56 -25.40 1.87
N ASN A 79 -17.36 -25.47 2.94
CA ASN A 79 -18.81 -25.55 2.82
C ASN A 79 -19.35 -24.24 2.26
N TRP A 80 -18.94 -23.13 2.87
CA TRP A 80 -19.41 -21.79 2.52
C TRP A 80 -19.16 -21.39 1.06
N GLN A 81 -17.97 -21.67 0.54
CA GLN A 81 -17.62 -21.25 -0.83
C GLN A 81 -18.47 -21.89 -1.97
N LYS A 82 -19.18 -23.00 -1.68
CA LYS A 82 -20.04 -23.67 -2.68
C LYS A 82 -21.18 -22.78 -3.20
N GLN A 83 -21.82 -22.04 -2.30
CA GLN A 83 -22.94 -21.16 -2.66
C GLN A 83 -22.51 -20.00 -3.56
N HIS A 84 -21.20 -19.75 -3.68
CA HIS A 84 -20.70 -18.63 -4.49
C HIS A 84 -20.04 -19.04 -5.79
N ASN A 85 -20.07 -20.35 -6.09
CA ASN A 85 -19.49 -20.86 -7.33
C ASN A 85 -20.60 -21.14 -8.34
N PRO A 86 -20.64 -20.39 -9.44
CA PRO A 86 -21.59 -20.72 -10.50
C PRO A 86 -21.43 -22.18 -10.93
N PRO A 87 -22.55 -22.92 -11.01
CA PRO A 87 -22.63 -24.35 -11.42
C PRO A 87 -21.80 -24.80 -12.63
N SER A 88 -21.64 -23.95 -13.65
CA SER A 88 -20.94 -24.32 -14.90
C SER A 88 -19.61 -23.64 -15.01
N ASP A 89 -18.60 -24.34 -15.55
CA ASP A 89 -17.28 -23.75 -15.84
C ASP A 89 -17.34 -22.80 -17.02
N ARG A 90 -18.40 -22.87 -17.82
CA ARG A 90 -18.60 -21.92 -18.90
C ARG A 90 -18.80 -20.52 -18.32
N ASP A 91 -19.39 -20.46 -17.13
CA ASP A 91 -19.50 -19.20 -16.41
C ASP A 91 -18.11 -18.57 -16.17
N ALA A 92 -18.08 -17.24 -16.20
CA ALA A 92 -16.84 -16.48 -16.19
C ALA A 92 -16.22 -16.43 -14.80
N GLU A 93 -17.06 -16.35 -13.78
CA GLU A 93 -16.60 -16.34 -12.41
C GLU A 93 -16.63 -17.75 -11.79
N HIS A 94 -16.78 -18.81 -12.61
CA HIS A 94 -16.60 -20.17 -12.08
C HIS A 94 -15.11 -20.46 -11.82
N TYR A 95 -14.84 -20.92 -10.60
CA TYR A 95 -13.49 -21.18 -10.15
C TYR A 95 -13.26 -22.66 -9.79
N ASP A 96 -12.06 -23.13 -10.12
CA ASP A 96 -11.58 -24.46 -9.80
C ASP A 96 -11.02 -24.59 -8.37
N THR A 97 -10.66 -23.47 -7.71
CA THR A 97 -10.20 -23.54 -6.32
C THR A 97 -10.44 -22.21 -5.59
N ALA A 98 -10.56 -22.29 -4.27
CA ALA A 98 -10.89 -21.12 -3.44
C ALA A 98 -9.93 -21.07 -2.26
N ILE A 99 -9.47 -19.86 -1.94
CA ILE A 99 -8.46 -19.62 -0.90
C ILE A 99 -8.95 -18.53 0.02
N LEU A 100 -8.95 -18.81 1.32
CA LEU A 100 -9.32 -17.86 2.31
C LEU A 100 -8.07 -17.34 3.04
N PHE A 101 -8.06 -16.02 3.27
CA PHE A 101 -7.03 -15.32 4.04
C PHE A 101 -7.65 -14.67 5.32
N THR A 102 -6.95 -14.83 6.45
CA THR A 102 -7.37 -14.23 7.72
C THR A 102 -6.17 -13.72 8.54
N ARG A 103 -6.36 -12.66 9.32
CA ARG A 103 -5.33 -12.24 10.25
C ARG A 103 -5.33 -13.17 11.48
N GLN A 104 -6.43 -13.89 11.69
CA GLN A 104 -6.54 -14.88 12.77
C GLN A 104 -5.33 -15.81 12.90
N ASP A 105 -4.83 -15.93 14.12
CA ASP A 105 -3.76 -16.89 14.46
C ASP A 105 -4.29 -18.35 14.39
N LEU A 106 -3.92 -19.10 13.35
CA LEU A 106 -4.40 -20.47 13.18
C LEU A 106 -3.66 -21.43 14.09
N CYS A 107 -4.41 -22.36 14.69
CA CYS A 107 -3.83 -23.39 15.57
C CYS A 107 -4.35 -24.77 15.23
N GLY A 108 -3.47 -25.76 15.35
CA GLY A 108 -3.89 -27.16 15.42
C GLY A 108 -4.18 -27.51 16.87
N SER A 109 -4.25 -28.81 17.17
CA SER A 109 -4.46 -29.27 18.56
C SER A 109 -3.24 -29.00 19.46
N GLN A 110 -2.06 -28.98 18.84
CA GLN A 110 -0.78 -28.99 19.55
C GLN A 110 -0.18 -27.60 19.76
N THR A 111 -0.12 -26.79 18.70
CA THR A 111 0.45 -25.46 18.79
C THR A 111 -0.35 -24.51 17.93
N CYS A 112 0.00 -23.23 18.02
CA CYS A 112 -0.51 -22.24 17.11
C CYS A 112 0.54 -21.85 16.07
N ASP A 113 1.51 -22.74 15.83
CA ASP A 113 2.51 -22.55 14.77
C ASP A 113 1.89 -22.67 13.36
N THR A 114 0.68 -23.24 13.30
CA THR A 114 -0.06 -23.39 12.05
C THR A 114 -0.10 -22.10 11.22
N LEU A 115 0.20 -22.24 9.93
CA LEU A 115 0.21 -21.14 8.98
C LEU A 115 -0.87 -21.28 7.92
N GLY A 116 -1.31 -22.52 7.67
CA GLY A 116 -2.20 -22.78 6.56
C GLY A 116 -2.71 -24.20 6.55
N MET A 117 -3.70 -24.45 5.73
CA MET A 117 -4.42 -25.71 5.78
C MET A 117 -5.15 -25.98 4.47
N ALA A 118 -5.01 -27.22 3.99
CA ALA A 118 -5.70 -27.73 2.82
C ALA A 118 -5.79 -29.25 2.91
N ASP A 119 -6.83 -29.83 2.31
CA ASP A 119 -6.88 -31.28 2.08
C ASP A 119 -6.05 -31.66 0.87
N VAL A 120 -5.75 -32.94 0.73
CA VAL A 120 -4.83 -33.39 -0.29
C VAL A 120 -5.62 -33.98 -1.44
N GLY A 121 -5.28 -33.56 -2.66
CA GLY A 121 -5.83 -34.13 -3.89
C GLY A 121 -7.28 -33.76 -4.19
N THR A 122 -7.59 -32.47 -4.13
CA THR A 122 -8.95 -31.97 -4.23
C THR A 122 -9.21 -30.98 -5.39
N VAL A 123 -8.24 -30.76 -6.27
CA VAL A 123 -8.27 -29.58 -7.16
C VAL A 123 -9.49 -29.46 -8.09
N CYS A 124 -9.98 -30.59 -8.61
CA CYS A 124 -11.17 -30.57 -9.47
C CYS A 124 -12.45 -31.07 -8.81
N ASP A 125 -12.51 -30.93 -7.50
CA ASP A 125 -13.69 -31.26 -6.71
C ASP A 125 -14.18 -29.96 -6.05
N PRO A 126 -15.25 -29.34 -6.58
CA PRO A 126 -15.75 -28.04 -6.11
C PRO A 126 -16.24 -28.00 -4.65
N SER A 127 -16.47 -29.16 -4.05
CA SER A 127 -16.86 -29.23 -2.65
C SER A 127 -15.65 -29.28 -1.71
N ARG A 128 -14.44 -29.41 -2.26
CA ARG A 128 -13.23 -29.73 -1.50
C ARG A 128 -11.98 -28.96 -1.90
N SER A 129 -11.94 -28.41 -3.12
CA SER A 129 -10.83 -27.57 -3.57
C SER A 129 -10.74 -26.22 -2.82
N CYS A 130 -10.21 -26.27 -1.59
CA CYS A 130 -10.07 -25.09 -0.76
C CYS A 130 -8.80 -25.10 0.06
N SER A 131 -8.39 -23.89 0.46
CA SER A 131 -7.23 -23.63 1.32
C SER A 131 -7.59 -22.49 2.26
N VAL A 132 -7.00 -22.48 3.44
CA VAL A 132 -7.01 -21.25 4.23
C VAL A 132 -5.57 -20.92 4.60
N ILE A 133 -5.28 -19.63 4.57
CA ILE A 133 -3.92 -19.11 4.71
C ILE A 133 -3.95 -18.10 5.85
N GLU A 134 -3.00 -18.23 6.79
CA GLU A 134 -2.76 -17.20 7.79
C GLU A 134 -1.95 -16.03 7.21
N ASP A 135 -2.53 -14.82 7.22
CA ASP A 135 -1.78 -13.62 6.83
C ASP A 135 -0.79 -13.15 7.91
N ASP A 136 0.43 -13.69 7.89
CA ASP A 136 1.47 -13.24 8.81
C ASP A 136 2.51 -12.38 8.09
N GLY A 137 2.21 -12.01 6.85
CA GLY A 137 3.07 -11.15 6.06
C GLY A 137 3.24 -11.65 4.66
N LEU A 138 4.17 -11.04 3.93
CA LEU A 138 4.39 -11.40 2.54
C LEU A 138 4.75 -12.87 2.41
N GLN A 139 5.38 -13.44 3.43
CA GLN A 139 5.69 -14.88 3.45
C GLN A 139 4.50 -15.80 3.25
N ALA A 140 3.30 -15.29 3.54
CA ALA A 140 2.05 -16.01 3.26
C ALA A 140 1.92 -16.40 1.78
N ALA A 141 2.63 -15.69 0.91
CA ALA A 141 2.66 -16.06 -0.49
C ALA A 141 3.16 -17.51 -0.64
N PHE A 142 4.09 -17.90 0.21
CA PHE A 142 4.69 -19.22 0.13
C PHE A 142 3.79 -20.22 0.84
N THR A 143 3.15 -19.82 1.96
CA THR A 143 2.07 -20.65 2.53
C THR A 143 1.00 -20.97 1.45
N THR A 144 0.71 -20.00 0.61
CA THR A 144 -0.30 -20.18 -0.42
C THR A 144 0.18 -21.20 -1.47
N ALA A 145 1.46 -21.18 -1.85
CA ALA A 145 1.97 -22.15 -2.82
C ALA A 145 1.93 -23.54 -2.23
N HIS A 146 2.26 -23.59 -0.94
CA HIS A 146 2.37 -24.83 -0.20
C HIS A 146 1.01 -25.53 -0.14
N GLU A 147 0.04 -24.79 0.32
CA GLU A 147 -1.32 -25.28 0.42
C GLU A 147 -1.84 -25.75 -0.92
N LEU A 148 -1.55 -25.03 -2.00
CA LEU A 148 -1.99 -25.43 -3.31
C LEU A 148 -1.29 -26.71 -3.76
N GLY A 149 -0.06 -26.91 -3.29
CA GLY A 149 0.65 -28.16 -3.52
C GLY A 149 -0.12 -29.35 -2.98
N HIS A 150 -0.54 -29.24 -1.71
CA HIS A 150 -1.43 -30.21 -1.07
C HIS A 150 -2.68 -30.36 -1.92
N VAL A 151 -3.29 -29.25 -2.31
CA VAL A 151 -4.48 -29.32 -3.16
C VAL A 151 -4.19 -30.11 -4.47
N PHE A 152 -2.95 -30.02 -4.97
CA PHE A 152 -2.52 -30.75 -6.15
C PHE A 152 -2.02 -32.17 -5.85
N ASN A 153 -2.34 -32.68 -4.66
CA ASN A 153 -1.92 -34.03 -4.22
C ASN A 153 -0.46 -34.15 -3.73
N MET A 154 0.21 -33.02 -3.45
CA MET A 154 1.60 -33.10 -2.98
C MET A 154 1.67 -33.40 -1.48
N PRO A 155 2.40 -34.47 -1.09
CA PRO A 155 2.62 -34.72 0.32
C PRO A 155 3.86 -33.96 0.75
N HIS A 156 4.04 -33.80 2.07
CA HIS A 156 5.25 -33.17 2.58
C HIS A 156 6.44 -33.96 2.12
N ASP A 157 7.57 -33.28 1.95
CA ASP A 157 8.79 -33.89 1.39
C ASP A 157 9.47 -34.94 2.28
N ASP A 158 9.10 -34.99 3.55
CA ASP A 158 9.59 -36.03 4.47
C ASP A 158 8.61 -37.20 4.66
N ALA A 159 7.48 -37.16 3.94
CA ALA A 159 6.57 -38.31 3.88
C ALA A 159 7.34 -39.54 3.41
N LYS A 160 6.97 -40.70 3.92
CA LYS A 160 7.62 -41.97 3.55
C LYS A 160 7.66 -42.16 2.03
N GLN A 161 6.53 -41.96 1.38
CA GLN A 161 6.47 -42.13 -0.09
C GLN A 161 7.48 -41.28 -0.87
N CYS A 162 8.02 -40.21 -0.27
CA CYS A 162 8.95 -39.31 -0.95
C CYS A 162 10.42 -39.65 -0.79
N ALA A 163 10.71 -40.83 -0.24
CA ALA A 163 12.07 -41.16 0.19
C ALA A 163 13.06 -41.32 -0.96
N SER A 164 12.83 -42.32 -1.81
CA SER A 164 13.72 -42.58 -2.95
C SER A 164 13.73 -41.46 -3.98
N LEU A 165 12.62 -40.72 -4.05
CA LEU A 165 12.49 -39.56 -4.93
C LEU A 165 13.33 -38.35 -4.51
N ASN A 166 13.46 -38.11 -3.21
CA ASN A 166 14.10 -36.89 -2.67
C ASN A 166 15.53 -37.10 -2.16
N SER A 172 14.33 -28.11 2.15
CA SER A 172 14.88 -27.31 1.06
C SER A 172 13.86 -26.80 0.01
N HIS A 173 12.70 -27.44 -0.09
CA HIS A 173 11.72 -27.18 -1.17
C HIS A 173 10.39 -26.74 -0.61
N MET A 174 9.41 -26.42 -1.48
CA MET A 174 8.13 -25.83 -1.05
C MET A 174 7.31 -26.75 -0.16
N MET A 175 7.43 -28.06 -0.35
CA MET A 175 6.60 -29.02 0.39
C MET A 175 7.26 -29.57 1.64
N ALA A 176 8.17 -28.78 2.22
CA ALA A 176 8.81 -29.12 3.51
C ALA A 176 7.79 -29.04 4.65
N SER A 177 7.88 -29.96 5.60
CA SER A 177 7.01 -29.99 6.77
C SER A 177 7.34 -28.92 7.80
N MET A 178 8.53 -28.33 7.71
CA MET A 178 8.96 -27.28 8.62
C MET A 178 9.70 -26.22 7.84
N LEU A 179 9.63 -24.99 8.34
CA LEU A 179 10.23 -23.84 7.65
C LEU A 179 11.76 -23.85 7.72
N SER A 180 12.40 -23.72 6.56
CA SER A 180 13.83 -23.41 6.52
C SER A 180 14.19 -22.81 5.15
N ASN A 181 15.47 -22.75 4.83
CA ASN A 181 15.92 -22.00 3.66
C ASN A 181 15.53 -22.67 2.33
N LEU A 182 14.76 -21.93 1.54
CA LEU A 182 14.20 -22.40 0.28
C LEU A 182 15.29 -22.39 -0.77
N ASP A 183 15.41 -23.48 -1.53
CA ASP A 183 16.34 -23.51 -2.65
C ASP A 183 15.67 -22.77 -3.79
N HIS A 184 16.14 -21.57 -4.06
CA HIS A 184 15.56 -20.74 -5.12
C HIS A 184 15.84 -21.26 -6.54
N SER A 185 16.81 -22.15 -6.70
CA SER A 185 17.09 -22.73 -8.01
C SER A 185 16.23 -23.98 -8.25
N GLN A 186 15.64 -24.51 -7.19
CA GLN A 186 14.73 -25.65 -7.32
C GLN A 186 13.68 -25.62 -6.21
N PRO A 187 12.69 -24.70 -6.32
CA PRO A 187 11.64 -24.56 -5.32
C PRO A 187 10.86 -25.85 -5.07
N TRP A 188 10.65 -26.66 -6.11
CA TRP A 188 9.87 -27.90 -6.03
C TRP A 188 10.78 -29.13 -6.09
N SER A 189 10.59 -30.05 -5.16
CA SER A 189 11.34 -31.29 -5.12
C SER A 189 10.94 -32.26 -6.25
N PRO A 190 11.78 -33.28 -6.52
CA PRO A 190 11.38 -34.36 -7.42
C PRO A 190 10.10 -35.07 -6.96
N CYS A 191 9.95 -35.27 -5.64
CA CYS A 191 8.75 -35.92 -5.14
C CYS A 191 7.54 -35.12 -5.60
N SER A 192 7.51 -33.85 -5.20
CA SER A 192 6.50 -32.87 -5.64
C SER A 192 6.17 -32.91 -7.13
N ALA A 193 7.18 -32.91 -7.98
CA ALA A 193 6.94 -32.93 -9.42
C ALA A 193 6.21 -34.23 -9.79
N TYR A 194 6.79 -35.37 -9.42
CA TYR A 194 6.17 -36.66 -9.67
C TYR A 194 4.70 -36.68 -9.20
N MET A 195 4.44 -36.15 -8.01
CA MET A 195 3.12 -36.26 -7.39
C MET A 195 2.03 -35.41 -8.05
N ILE A 196 2.33 -34.17 -8.41
CA ILE A 196 1.39 -33.38 -9.22
C ILE A 196 1.30 -33.97 -10.64
N THR A 197 2.40 -34.50 -11.16
CA THR A 197 2.43 -35.04 -12.52
C THR A 197 1.54 -36.28 -12.65
N SER A 198 1.64 -37.18 -11.67
CA SER A 198 0.78 -38.36 -11.59
C SER A 198 -0.69 -38.01 -11.40
N PHE A 199 -0.97 -37.10 -10.48
CA PHE A 199 -2.31 -36.62 -10.25
C PHE A 199 -2.99 -36.19 -11.55
N LEU A 200 -2.29 -35.36 -12.33
CA LEU A 200 -2.82 -34.85 -13.61
C LEU A 200 -2.91 -35.95 -14.69
N ASP A 201 -1.90 -36.82 -14.72
CA ASP A 201 -1.88 -37.95 -15.65
C ASP A 201 -3.01 -38.95 -15.41
N ASN A 202 -3.40 -39.12 -14.16
CA ASN A 202 -4.52 -39.97 -13.79
C ASN A 202 -5.92 -39.38 -14.09
N GLY A 203 -5.98 -38.09 -14.43
CA GLY A 203 -7.22 -37.46 -14.89
C GLY A 203 -7.92 -36.54 -13.91
N HIS A 204 -7.25 -36.20 -12.81
CA HIS A 204 -7.86 -35.41 -11.72
C HIS A 204 -7.62 -33.89 -11.86
N GLY A 205 -7.08 -33.47 -13.01
CA GLY A 205 -6.97 -32.05 -13.36
C GLY A 205 -7.71 -31.62 -14.64
N GLU A 206 -8.78 -32.33 -14.98
CA GLU A 206 -9.53 -32.09 -16.22
C GLU A 206 -10.26 -30.73 -16.20
N CYS A 207 -10.59 -30.22 -15.01
CA CYS A 207 -11.27 -28.93 -14.87
C CYS A 207 -10.37 -27.74 -15.15
N LEU A 208 -9.07 -27.99 -15.28
CA LEU A 208 -8.09 -26.92 -15.39
C LEU A 208 -7.69 -26.61 -16.84
N MET A 209 -8.36 -27.25 -17.78
CA MET A 209 -7.98 -27.17 -19.19
C MET A 209 -8.52 -25.93 -19.87
N ASP A 210 -9.67 -25.44 -19.43
CA ASP A 210 -10.25 -24.24 -20.01
C ASP A 210 -9.45 -22.99 -19.62
N LYS A 211 -9.47 -22.01 -20.51
CA LYS A 211 -8.82 -20.74 -20.27
C LYS A 211 -9.78 -19.81 -19.55
N PRO A 212 -9.24 -18.97 -18.64
CA PRO A 212 -10.09 -18.00 -18.00
C PRO A 212 -10.58 -16.95 -18.96
N GLN A 213 -11.77 -16.44 -18.69
CA GLN A 213 -12.34 -15.33 -19.42
C GLN A 213 -12.05 -14.11 -18.61
N ASN A 214 -11.40 -13.12 -19.22
CA ASN A 214 -11.04 -11.86 -18.57
C ASN A 214 -10.66 -12.02 -17.10
N PRO A 215 -9.50 -12.66 -16.84
CA PRO A 215 -9.04 -12.88 -15.46
C PRO A 215 -8.54 -11.59 -14.83
N ILE A 216 -8.59 -11.54 -13.49
CA ILE A 216 -8.13 -10.37 -12.75
C ILE A 216 -6.60 -10.26 -12.83
N GLN A 217 -6.13 -9.11 -13.30
CA GLN A 217 -4.75 -8.96 -13.68
C GLN A 217 -3.82 -8.95 -12.47
N LEU A 218 -2.72 -9.70 -12.57
CA LEU A 218 -1.72 -9.81 -11.48
C LEU A 218 -0.60 -8.77 -11.60
N PRO A 219 -0.16 -8.20 -10.47
CA PRO A 219 0.96 -7.29 -10.50
C PRO A 219 2.18 -7.94 -11.12
N GLY A 220 2.83 -7.25 -12.06
CA GLY A 220 4.04 -7.78 -12.72
C GLY A 220 5.34 -7.34 -12.05
N ASP A 221 5.24 -6.39 -11.12
CA ASP A 221 6.39 -5.90 -10.38
C ASP A 221 6.71 -6.76 -9.16
N LEU A 222 7.96 -6.70 -8.70
CA LEU A 222 8.37 -7.39 -7.48
C LEU A 222 7.58 -6.86 -6.27
N PRO A 223 7.34 -7.73 -5.28
CA PRO A 223 6.50 -7.32 -4.15
C PRO A 223 7.08 -6.15 -3.34
N GLY A 224 8.41 -6.10 -3.23
CA GLY A 224 9.07 -5.02 -2.51
C GLY A 224 8.97 -3.65 -3.19
N THR A 225 8.57 -3.64 -4.46
CA THR A 225 8.30 -2.39 -5.15
C THR A 225 6.99 -1.74 -4.59
N SER A 226 6.01 -2.58 -4.27
CA SER A 226 4.79 -2.12 -3.62
C SER A 226 4.98 -1.78 -2.14
N TYR A 227 5.79 -2.59 -1.46
CA TYR A 227 5.84 -2.56 0.00
C TYR A 227 7.24 -2.44 0.53
N ASP A 228 7.57 -1.31 1.16
CA ASP A 228 8.88 -1.18 1.80
C ASP A 228 8.96 -1.93 3.10
N ALA A 229 10.16 -1.96 3.68
CA ALA A 229 10.49 -2.78 4.82
C ALA A 229 9.67 -2.43 6.04
N ASN A 230 9.35 -1.14 6.18
CA ASN A 230 8.40 -0.72 7.17
C ASN A 230 7.05 -1.37 6.99
N ARG A 231 6.58 -1.48 5.75
CA ARG A 231 5.28 -2.09 5.50
C ARG A 231 5.31 -3.60 5.79
N GLN A 232 6.39 -4.23 5.43
CA GLN A 232 6.53 -5.67 5.65
C GLN A 232 6.53 -6.01 7.14
N CYS A 233 7.13 -5.13 7.94
CA CYS A 233 7.13 -5.26 9.37
C CYS A 233 5.73 -5.07 9.92
N GLN A 234 5.02 -4.09 9.38
CA GLN A 234 3.61 -3.91 9.72
C GLN A 234 2.76 -5.14 9.39
N PHE A 235 2.89 -5.68 8.19
CA PHE A 235 2.11 -6.86 7.82
C PHE A 235 2.28 -7.98 8.83
N THR A 236 3.53 -8.23 9.25
CA THR A 236 3.79 -9.32 10.18
C THR A 236 3.53 -8.99 11.67
N PHE A 237 3.82 -7.75 12.10
CA PHE A 237 3.78 -7.40 13.54
C PHE A 237 2.77 -6.31 13.90
N GLY A 238 1.91 -5.91 12.98
CA GLY A 238 0.95 -4.86 13.29
C GLY A 238 1.42 -3.46 12.94
N GLU A 239 0.48 -2.52 12.90
CA GLU A 239 0.71 -1.20 12.28
C GLU A 239 1.71 -0.31 12.99
N ASP A 240 1.94 -0.57 14.27
CA ASP A 240 2.87 0.21 15.07
C ASP A 240 4.32 -0.25 14.86
N SER A 241 4.52 -1.42 14.26
CA SER A 241 5.85 -1.93 14.04
C SER A 241 6.47 -1.21 12.86
N LYS A 242 7.79 -1.16 12.85
CA LYS A 242 8.53 -0.67 11.71
C LYS A 242 9.86 -1.39 11.63
N HIS A 243 10.56 -1.13 10.54
CA HIS A 243 11.84 -1.75 10.30
C HIS A 243 12.84 -1.40 11.41
N CYS A 244 13.53 -2.43 11.91
CA CYS A 244 14.51 -2.24 12.98
C CYS A 244 15.79 -1.54 12.47
N PRO A 245 16.20 -0.44 13.15
CA PRO A 245 17.57 0.08 12.90
C PRO A 245 18.65 -0.81 13.53
N THR A 250 21.19 -6.19 5.81
CA THR A 250 20.15 -6.06 4.78
C THR A 250 19.72 -7.37 4.14
N CYS A 251 18.44 -7.43 3.80
CA CYS A 251 17.88 -8.45 2.92
C CYS A 251 17.78 -9.86 3.49
N SER A 252 18.79 -10.30 4.25
CA SER A 252 18.81 -11.71 4.70
C SER A 252 17.65 -12.00 5.68
N THR A 253 17.43 -11.11 6.64
CA THR A 253 16.40 -11.30 7.67
C THR A 253 15.71 -9.96 7.96
N LEU A 254 14.39 -9.90 7.80
CA LEU A 254 13.61 -8.75 8.23
C LEU A 254 13.49 -8.69 9.77
N TRP A 255 14.01 -7.61 10.35
CA TRP A 255 13.94 -7.37 11.79
C TRP A 255 13.06 -6.15 11.96
N CYS A 256 12.21 -6.20 12.98
CA CYS A 256 11.12 -5.25 13.18
C CYS A 256 11.04 -4.82 14.64
N THR A 257 10.52 -3.59 14.87
CA THR A 257 10.38 -3.05 16.22
C THR A 257 9.19 -3.68 16.95
N GLY A 258 9.13 -3.50 18.28
CA GLY A 258 8.12 -4.17 19.10
C GLY A 258 8.14 -3.72 20.55
N LEU A 264 15.63 -0.12 22.85
CA LEU A 264 15.23 -0.50 21.49
C LEU A 264 15.02 -2.02 21.41
N VAL A 265 13.76 -2.44 21.22
CA VAL A 265 13.39 -3.84 21.15
C VAL A 265 13.05 -4.21 19.73
N CYS A 266 13.61 -5.30 19.23
CA CYS A 266 13.36 -5.76 17.88
C CYS A 266 13.05 -7.24 17.84
N GLN A 267 12.38 -7.65 16.77
CA GLN A 267 11.87 -9.00 16.64
C GLN A 267 11.86 -9.42 15.17
N THR A 268 11.87 -10.73 14.94
CA THR A 268 11.88 -11.29 13.59
C THR A 268 11.21 -12.66 13.54
N LYS A 269 10.53 -12.94 12.44
CA LYS A 269 10.04 -14.29 12.13
C LYS A 269 11.05 -15.04 11.25
N HIS A 270 12.32 -14.63 11.28
CA HIS A 270 13.41 -15.22 10.48
C HIS A 270 13.11 -15.40 8.99
N PHE A 271 12.45 -14.41 8.41
CA PHE A 271 12.18 -14.43 6.98
C PHE A 271 12.98 -13.30 6.31
N PRO A 272 13.41 -13.52 5.05
CA PRO A 272 14.11 -12.44 4.31
C PRO A 272 13.24 -11.22 3.97
N TRP A 273 13.90 -10.16 3.50
CA TRP A 273 13.19 -9.00 2.96
C TRP A 273 12.58 -9.51 1.66
N ALA A 274 11.41 -8.99 1.30
CA ALA A 274 10.79 -9.41 0.06
C ALA A 274 11.63 -8.92 -1.13
N ASP A 275 11.66 -9.73 -2.18
CA ASP A 275 12.38 -9.38 -3.42
C ASP A 275 11.84 -8.05 -3.93
N GLY A 276 12.73 -7.11 -4.21
CA GLY A 276 12.37 -5.81 -4.69
C GLY A 276 12.55 -4.75 -3.63
N THR A 277 12.72 -5.17 -2.38
CA THR A 277 12.77 -4.22 -1.27
C THR A 277 14.04 -3.39 -1.37
N SER A 278 13.88 -2.07 -1.40
CA SER A 278 15.00 -1.16 -1.48
C SER A 278 15.97 -1.42 -0.33
N CYS A 279 17.25 -1.49 -0.64
CA CYS A 279 18.29 -1.63 0.39
C CYS A 279 19.41 -0.63 0.13
N GLY A 280 19.02 0.61 -0.13
CA GLY A 280 19.96 1.67 -0.57
C GLY A 280 19.60 2.25 -1.95
N GLU A 281 20.15 3.42 -2.26
CA GLU A 281 19.94 4.02 -3.58
C GLU A 281 20.55 3.14 -4.70
N GLY A 282 19.71 2.73 -5.65
CA GLY A 282 20.14 1.89 -6.76
C GLY A 282 20.22 0.40 -6.49
N LYS A 283 19.83 0.00 -5.28
CA LYS A 283 19.92 -1.40 -4.87
C LYS A 283 18.62 -1.90 -4.27
N TRP A 284 18.34 -3.19 -4.49
CA TRP A 284 17.17 -3.83 -3.89
C TRP A 284 17.52 -5.25 -3.53
N CYS A 285 16.66 -5.88 -2.75
CA CYS A 285 16.86 -7.27 -2.36
C CYS A 285 16.47 -8.25 -3.47
N ILE A 286 17.30 -9.27 -3.68
CA ILE A 286 16.96 -10.40 -4.55
C ILE A 286 17.53 -11.68 -3.92
N ASN A 287 16.64 -12.59 -3.53
CA ASN A 287 17.01 -13.82 -2.83
C ASN A 287 17.90 -13.55 -1.62
N GLY A 288 17.44 -12.65 -0.75
CA GLY A 288 18.16 -12.32 0.48
C GLY A 288 19.49 -11.58 0.35
N LYS A 289 19.77 -11.05 -0.84
CA LYS A 289 21.04 -10.34 -1.09
C LYS A 289 20.80 -8.95 -1.67
N CYS A 290 21.49 -7.95 -1.12
CA CYS A 290 21.40 -6.58 -1.65
C CYS A 290 22.28 -6.47 -2.91
N VAL A 291 21.64 -6.22 -4.04
CA VAL A 291 22.29 -6.21 -5.35
C VAL A 291 21.84 -4.99 -6.14
N ASN A 292 22.65 -4.61 -7.12
CA ASN A 292 22.34 -3.48 -7.99
C ASN A 292 21.11 -3.76 -8.84
N LYS A 293 20.24 -2.76 -8.96
CA LYS A 293 19.01 -2.87 -9.74
C LYS A 293 19.32 -2.91 -11.22
N LEU A 294 20.39 -2.21 -11.64
CA LEU A 294 20.86 -2.31 -13.01
C LEU A 294 21.81 -3.48 -13.07
N VAL A 295 21.29 -4.64 -13.49
CA VAL A 295 22.15 -5.83 -13.61
C VAL A 295 23.23 -5.54 -14.63
N PRO A 296 24.48 -5.97 -14.35
CA PRO A 296 25.59 -5.64 -15.25
C PRO A 296 25.38 -6.10 -16.69
N SER B 1 21.69 29.66 4.09
CA SER B 1 21.03 29.23 5.36
C SER B 1 19.80 28.34 5.07
N HIS B 2 19.86 27.11 5.59
CA HIS B 2 18.91 26.08 5.26
C HIS B 2 17.73 26.11 6.24
N ARG B 3 16.53 26.00 5.70
CA ARG B 3 15.32 25.99 6.50
C ARG B 3 14.76 24.56 6.62
N TYR B 4 14.44 24.15 7.84
CA TYR B 4 13.87 22.85 8.09
C TYR B 4 12.51 23.04 8.72
N VAL B 5 11.46 22.64 8.00
CA VAL B 5 10.09 22.74 8.49
C VAL B 5 9.73 21.44 9.18
N GLU B 6 9.86 21.47 10.51
CA GLU B 6 9.51 20.37 11.38
C GLU B 6 7.98 20.26 11.48
N THR B 7 7.45 19.16 10.98
CA THR B 7 6.02 19.01 10.80
C THR B 7 5.47 17.84 11.63
N MET B 8 4.33 18.08 12.29
CA MET B 8 3.49 16.97 12.74
C MET B 8 2.36 16.73 11.76
N LEU B 9 2.31 15.50 11.25
CA LEU B 9 1.22 15.00 10.42
C LEU B 9 0.20 14.24 11.30
N VAL B 10 -1.08 14.56 11.13
CA VAL B 10 -2.12 13.88 11.88
C VAL B 10 -3.20 13.36 10.93
N ALA B 11 -3.66 12.13 11.21
CA ALA B 11 -4.74 11.52 10.46
C ALA B 11 -5.87 11.20 11.43
N ASP B 12 -7.08 11.64 11.11
CA ASP B 12 -8.24 11.35 11.94
C ASP B 12 -8.72 9.88 11.81
N GLN B 13 -9.81 9.55 12.48
CA GLN B 13 -10.36 8.20 12.43
C GLN B 13 -10.84 7.81 11.03
N SER B 14 -11.41 8.76 10.30
CA SER B 14 -11.87 8.47 8.93
C SER B 14 -10.73 7.90 8.08
N MET B 15 -9.53 8.45 8.26
CA MET B 15 -8.34 8.02 7.52
C MET B 15 -7.83 6.64 7.97
N ALA B 16 -7.79 6.44 9.28
CA ALA B 16 -7.44 5.15 9.86
C ALA B 16 -8.33 4.04 9.30
N GLU B 17 -9.63 4.28 9.20
CA GLU B 17 -10.55 3.23 8.76
C GLU B 17 -10.45 2.96 7.26
N PHE B 18 -10.34 4.02 6.46
CA PHE B 18 -10.17 3.84 5.02
C PHE B 18 -8.83 3.19 4.66
N HIS B 19 -7.76 3.72 5.21
CA HIS B 19 -6.41 3.34 4.78
C HIS B 19 -5.85 2.13 5.54
N GLY B 20 -6.34 1.89 6.76
CA GLY B 20 -5.86 0.79 7.56
C GLY B 20 -4.35 0.86 7.76
N SER B 21 -3.70 -0.30 7.84
CA SER B 21 -2.26 -0.36 8.17
C SER B 21 -1.43 0.59 7.27
N GLY B 22 -1.82 0.72 6.00
CA GLY B 22 -1.08 1.59 5.06
C GLY B 22 -1.21 3.10 5.29
N LEU B 23 -1.86 3.52 6.37
CA LEU B 23 -2.09 4.95 6.58
C LEU B 23 -0.79 5.75 6.65
N LYS B 24 0.18 5.30 7.45
CA LYS B 24 1.41 6.07 7.64
C LYS B 24 2.22 6.29 6.36
N HIS B 25 2.42 5.22 5.59
CA HIS B 25 3.07 5.35 4.27
C HIS B 25 2.32 6.28 3.30
N TYR B 26 0.99 6.38 3.44
CA TYR B 26 0.18 7.16 2.50
C TYR B 26 0.44 8.64 2.74
N LEU B 27 0.34 9.02 4.00
CA LEU B 27 0.69 10.37 4.48
C LEU B 27 2.14 10.79 4.15
N LEU B 28 3.08 9.84 4.22
CA LEU B 28 4.48 10.16 3.96
C LEU B 28 4.70 10.32 2.47
N THR B 29 3.98 9.53 1.70
CA THR B 29 3.93 9.70 0.25
C THR B 29 3.37 11.05 -0.22
N LEU B 30 2.31 11.52 0.43
CA LEU B 30 1.73 12.83 0.11
C LEU B 30 2.73 13.94 0.43
N PHE B 31 3.28 13.88 1.64
CA PHE B 31 4.29 14.84 2.12
C PHE B 31 5.60 14.76 1.32
N SER B 32 5.97 13.55 0.88
CA SER B 32 7.18 13.41 0.05
C SER B 32 7.06 14.29 -1.19
N VAL B 33 5.86 14.33 -1.79
CA VAL B 33 5.60 15.13 -3.00
C VAL B 33 5.67 16.65 -2.70
N ALA B 34 5.05 17.08 -1.61
CA ALA B 34 5.12 18.47 -1.16
C ALA B 34 6.56 18.87 -0.90
N ALA B 35 7.30 18.03 -0.18
CA ALA B 35 8.72 18.28 0.07
C ALA B 35 9.54 18.46 -1.24
N ARG B 36 9.29 17.63 -2.25
CA ARG B 36 9.91 17.80 -3.57
C ARG B 36 9.52 19.15 -4.18
N LEU B 37 8.26 19.51 -4.08
CA LEU B 37 7.81 20.79 -4.60
C LEU B 37 8.58 21.96 -3.95
N TYR B 38 8.62 21.96 -2.63
CA TYR B 38 9.32 23.00 -1.86
C TYR B 38 10.84 23.08 -2.08
N LYS B 39 11.40 22.10 -2.81
CA LYS B 39 12.80 22.12 -3.25
C LYS B 39 12.99 22.57 -4.72
N HIS B 40 11.92 23.06 -5.36
CA HIS B 40 12.04 23.49 -6.74
C HIS B 40 12.60 24.90 -6.77
N PRO B 41 13.60 25.18 -7.63
CA PRO B 41 14.28 26.49 -7.72
C PRO B 41 13.39 27.73 -7.82
N SER B 42 12.19 27.58 -8.38
CA SER B 42 11.25 28.70 -8.44
C SER B 42 10.84 29.23 -7.05
N ILE B 43 11.12 28.46 -6.00
CA ILE B 43 10.84 28.92 -4.64
C ILE B 43 11.92 29.89 -4.13
N ARG B 44 13.12 29.83 -4.72
CA ARG B 44 14.22 30.79 -4.47
C ARG B 44 14.74 30.77 -3.02
N ASN B 45 14.48 29.66 -2.34
CA ASN B 45 14.80 29.46 -0.94
C ASN B 45 15.08 27.99 -0.68
N SER B 46 16.09 27.73 0.16
CA SER B 46 16.40 26.38 0.63
C SER B 46 15.44 25.98 1.75
N VAL B 47 14.45 25.15 1.42
CA VAL B 47 13.41 24.73 2.35
C VAL B 47 13.22 23.20 2.37
N SER B 48 13.55 22.57 3.50
CA SER B 48 13.39 21.13 3.65
C SER B 48 12.19 20.81 4.55
N LEU B 49 11.16 20.21 3.97
CA LEU B 49 10.04 19.72 4.76
C LEU B 49 10.44 18.36 5.29
N VAL B 50 10.30 18.21 6.61
CA VAL B 50 10.58 16.97 7.32
C VAL B 50 9.49 16.67 8.39
N VAL B 51 9.21 15.38 8.57
CA VAL B 51 8.30 14.92 9.62
C VAL B 51 9.04 14.49 10.86
N VAL B 52 8.67 15.09 12.01
CA VAL B 52 9.24 14.74 13.32
C VAL B 52 8.27 13.90 14.15
N LYS B 53 7.01 13.86 13.76
CA LYS B 53 5.98 13.17 14.52
C LYS B 53 4.76 12.89 13.65
N ILE B 54 4.14 11.73 13.91
CA ILE B 54 2.90 11.35 13.25
C ILE B 54 1.91 10.91 14.32
N LEU B 55 0.68 11.43 14.21
CA LEU B 55 -0.42 11.05 15.11
C LEU B 55 -1.56 10.44 14.30
N VAL B 56 -1.92 9.20 14.64
CA VAL B 56 -3.11 8.57 14.08
C VAL B 56 -4.17 8.48 15.16
N ILE B 57 -5.39 8.87 14.80
CA ILE B 57 -6.49 8.95 15.74
C ILE B 57 -7.47 7.82 15.45
N HIS B 58 -7.42 6.80 16.29
CA HIS B 58 -8.25 5.60 16.15
C HIS B 58 -9.58 5.76 16.88
N ASP B 59 -9.59 6.58 17.93
CA ASP B 59 -10.80 6.92 18.67
C ASP B 59 -11.02 8.42 18.54
N GLU B 60 -12.07 8.80 17.81
CA GLU B 60 -12.41 10.21 17.58
C GLU B 60 -12.45 11.04 18.87
N GLN B 61 -12.83 10.40 19.97
CA GLN B 61 -12.89 11.04 21.30
C GLN B 61 -11.55 11.64 21.74
N LYS B 62 -10.44 10.99 21.38
CA LYS B 62 -9.10 11.50 21.74
C LYS B 62 -8.42 12.23 20.57
N GLY B 63 -9.21 12.96 19.79
CA GLY B 63 -8.73 13.77 18.67
C GLY B 63 -9.63 14.99 18.49
N PRO B 64 -9.29 15.89 17.55
CA PRO B 64 -10.04 17.11 17.40
C PRO B 64 -11.44 16.89 16.80
N GLU B 65 -12.27 17.93 16.85
CA GLU B 65 -13.60 17.87 16.29
C GLU B 65 -13.49 18.17 14.79
N VAL B 66 -13.87 17.19 13.96
CA VAL B 66 -13.89 17.36 12.49
C VAL B 66 -15.31 17.37 11.96
N THR B 67 -15.69 18.49 11.34
CA THR B 67 -16.98 18.63 10.64
C THR B 67 -16.75 19.09 9.21
N SER B 68 -17.82 19.14 8.41
CA SER B 68 -17.73 19.63 7.03
C SER B 68 -17.50 21.15 6.97
N ASN B 69 -17.61 21.80 8.14
CA ASN B 69 -17.23 23.20 8.28
C ASN B 69 -15.71 23.32 8.40
N ALA B 70 -15.10 23.68 7.28
CA ALA B 70 -13.66 23.78 7.15
C ALA B 70 -13.02 24.76 8.12
N ALA B 71 -13.36 26.05 8.03
CA ALA B 71 -12.82 27.04 8.97
C ALA B 71 -12.81 26.47 10.39
N LEU B 72 -14.00 26.15 10.90
CA LEU B 72 -14.15 25.65 12.27
C LEU B 72 -13.25 24.46 12.54
N THR B 73 -13.16 23.53 11.59
CA THR B 73 -12.28 22.38 11.75
C THR B 73 -10.80 22.78 11.82
N LEU B 74 -10.40 23.82 11.07
CA LEU B 74 -9.07 24.42 11.21
C LEU B 74 -8.91 25.04 12.61
N ARG B 75 -9.87 25.88 12.96
CA ARG B 75 -9.93 26.47 14.30
C ARG B 75 -9.78 25.36 15.36
N ASN B 76 -10.54 24.27 15.20
CA ASN B 76 -10.51 23.16 16.16
C ASN B 76 -9.18 22.43 16.22
N PHE B 77 -8.65 22.07 15.06
CA PHE B 77 -7.36 21.38 14.96
C PHE B 77 -6.22 22.19 15.56
N CYS B 78 -6.23 23.50 15.33
CA CYS B 78 -5.13 24.35 15.75
C CYS B 78 -5.10 24.46 17.28
N ASN B 79 -6.27 24.71 17.88
CA ASN B 79 -6.42 24.68 19.33
C ASN B 79 -6.01 23.32 19.90
N TRP B 80 -6.52 22.24 19.30
CA TRP B 80 -6.24 20.88 19.75
C TRP B 80 -4.75 20.50 19.72
N GLN B 81 -4.05 20.85 18.65
CA GLN B 81 -2.65 20.41 18.48
C GLN B 81 -1.65 21.08 19.45
N LYS B 82 -2.04 22.23 20.02
CA LYS B 82 -1.19 22.95 20.97
C LYS B 82 -0.68 21.97 22.01
N GLN B 83 -1.64 21.32 22.68
CA GLN B 83 -1.38 20.38 23.78
C GLN B 83 -0.39 19.24 23.45
N HIS B 84 -0.22 18.89 22.16
CA HIS B 84 0.69 17.80 21.78
C HIS B 84 2.10 18.25 21.37
N ASN B 85 2.39 19.54 21.49
CA ASN B 85 3.69 20.07 21.11
C ASN B 85 4.57 20.34 22.33
N PRO B 86 5.68 19.58 22.49
CA PRO B 86 6.62 19.80 23.60
C PRO B 86 6.97 21.26 23.81
N PRO B 87 7.03 21.72 25.08
CA PRO B 87 7.13 23.19 25.31
C PRO B 87 8.37 23.93 24.75
N SER B 88 9.31 23.22 24.12
CA SER B 88 10.63 23.77 23.75
C SER B 88 11.23 23.07 22.53
N ASP B 89 11.82 23.83 21.59
CA ASP B 89 12.32 23.24 20.31
C ASP B 89 13.61 22.41 20.49
N ARG B 90 14.09 22.31 21.74
CA ARG B 90 15.16 21.37 22.08
C ARG B 90 14.68 19.93 21.91
N ASP B 91 13.41 19.69 22.21
CA ASP B 91 12.83 18.36 22.08
C ASP B 91 12.87 17.89 20.61
N ALA B 92 13.20 16.62 20.42
CA ALA B 92 13.29 16.02 19.09
C ALA B 92 11.92 15.93 18.38
N GLU B 93 10.86 15.96 19.17
CA GLU B 93 9.51 15.87 18.64
C GLU B 93 8.81 17.23 18.53
N HIS B 94 9.40 18.29 19.09
CA HIS B 94 8.88 19.64 18.85
C HIS B 94 8.77 19.90 17.34
N TYR B 95 7.62 20.42 16.92
CA TYR B 95 7.37 20.72 15.50
C TYR B 95 7.09 22.21 15.30
N ASP B 96 7.38 22.67 14.10
CA ASP B 96 7.13 24.07 13.68
C ASP B 96 5.77 24.22 12.98
N THR B 97 5.18 23.11 12.54
CA THR B 97 3.87 23.16 11.90
C THR B 97 3.16 21.83 11.99
N ALA B 98 1.84 21.87 11.90
CA ALA B 98 1.02 20.71 12.07
C ALA B 98 -0.06 20.65 10.99
N ILE B 99 -0.29 19.46 10.46
CA ILE B 99 -1.25 19.24 9.38
C ILE B 99 -2.20 18.11 9.78
N LEU B 100 -3.49 18.35 9.61
CA LEU B 100 -4.51 17.34 9.84
C LEU B 100 -5.11 16.90 8.52
N PHE B 101 -5.11 15.58 8.29
CA PHE B 101 -5.76 14.99 7.11
C PHE B 101 -7.08 14.29 7.49
N THR B 102 -8.07 14.38 6.59
CA THR B 102 -9.36 13.74 6.78
C THR B 102 -9.97 13.30 5.45
N ARG B 103 -10.79 12.24 5.49
CA ARG B 103 -11.64 11.81 4.36
C ARG B 103 -12.97 12.60 4.31
N GLN B 104 -13.25 13.35 5.36
CA GLN B 104 -14.43 14.21 5.38
C GLN B 104 -14.42 15.20 4.22
N ASP B 105 -15.58 15.39 3.61
CA ASP B 105 -15.82 16.44 2.62
C ASP B 105 -15.90 17.80 3.32
N LEU B 106 -14.93 18.66 3.02
CA LEU B 106 -14.86 19.99 3.61
C LEU B 106 -15.68 20.96 2.76
N CYS B 107 -16.46 21.80 3.43
CA CYS B 107 -17.30 22.80 2.76
C CYS B 107 -16.92 24.21 3.18
N GLY B 108 -16.94 25.13 2.21
CA GLY B 108 -17.02 26.56 2.50
C GLY B 108 -18.47 26.94 2.80
N SER B 109 -18.74 28.22 2.97
CA SER B 109 -20.10 28.67 3.32
C SER B 109 -21.08 28.50 2.16
N GLN B 110 -20.62 28.80 0.94
CA GLN B 110 -21.45 28.72 -0.27
C GLN B 110 -21.26 27.37 -0.96
N THR B 111 -20.01 26.98 -1.19
CA THR B 111 -19.69 25.73 -1.90
C THR B 111 -19.09 24.67 -0.98
N CYS B 112 -19.10 23.42 -1.43
CA CYS B 112 -18.39 22.35 -0.73
C CYS B 112 -17.23 21.77 -1.55
N ASP B 113 -16.72 22.58 -2.48
CA ASP B 113 -15.55 22.25 -3.30
C ASP B 113 -14.22 22.42 -2.54
N THR B 114 -14.26 23.01 -1.34
CA THR B 114 -13.10 23.16 -0.47
C THR B 114 -12.24 21.89 -0.32
N LEU B 115 -10.99 21.99 -0.80
CA LEU B 115 -10.00 20.93 -0.63
C LEU B 115 -9.17 21.05 0.66
N GLY B 116 -8.96 22.26 1.16
CA GLY B 116 -8.16 22.41 2.40
C GLY B 116 -8.18 23.81 2.96
N MET B 117 -7.50 24.02 4.10
CA MET B 117 -7.50 25.33 4.73
C MET B 117 -6.26 25.62 5.59
N ALA B 118 -5.90 26.91 5.63
CA ALA B 118 -4.84 27.43 6.50
C ALA B 118 -4.97 28.97 6.65
N ASP B 119 -4.51 29.51 7.78
CA ASP B 119 -4.32 30.96 7.90
C ASP B 119 -2.99 31.38 7.22
N VAL B 120 -2.84 32.67 6.97
CA VAL B 120 -1.73 33.15 6.15
C VAL B 120 -0.58 33.73 6.97
N GLY B 121 0.60 33.12 6.84
CA GLY B 121 1.81 33.65 7.44
C GLY B 121 1.96 33.34 8.91
N THR B 122 1.88 32.04 9.25
CA THR B 122 1.77 31.58 10.66
C THR B 122 2.91 30.67 11.15
N VAL B 123 3.92 30.46 10.32
CA VAL B 123 4.82 29.31 10.50
C VAL B 123 5.53 29.19 11.86
N CYS B 124 5.99 30.29 12.45
CA CYS B 124 6.73 30.18 13.74
C CYS B 124 5.93 30.65 14.95
N ASP B 125 4.61 30.66 14.78
CA ASP B 125 3.64 30.86 15.86
C ASP B 125 3.01 29.50 16.17
N PRO B 126 3.48 28.82 17.24
CA PRO B 126 2.94 27.52 17.67
C PRO B 126 1.40 27.42 17.79
N SER B 127 0.72 28.55 17.99
CA SER B 127 -0.75 28.56 18.14
C SER B 127 -1.55 28.58 16.82
N ARG B 128 -0.92 29.01 15.72
CA ARG B 128 -1.62 29.18 14.43
C ARG B 128 -0.99 28.43 13.26
N SER B 129 0.19 27.85 13.46
CA SER B 129 0.89 27.16 12.39
C SER B 129 0.25 25.79 12.16
N CYS B 130 -0.98 25.82 11.65
CA CYS B 130 -1.73 24.59 11.29
C CYS B 130 -2.46 24.73 9.98
N SER B 131 -2.71 23.58 9.38
CA SER B 131 -3.51 23.50 8.16
C SER B 131 -4.25 22.16 8.11
N VAL B 132 -5.40 22.15 7.43
CA VAL B 132 -6.17 20.93 7.22
C VAL B 132 -6.27 20.56 5.72
N ILE B 133 -6.26 19.26 5.45
CA ILE B 133 -6.33 18.75 4.08
C ILE B 133 -7.45 17.70 3.95
N GLU B 134 -8.27 17.86 2.91
CA GLU B 134 -9.23 16.85 2.52
C GLU B 134 -8.50 15.82 1.67
N ASP B 135 -8.48 14.57 2.12
CA ASP B 135 -7.89 13.49 1.31
C ASP B 135 -8.86 13.05 0.20
N ASP B 136 -8.59 13.53 -1.02
CA ASP B 136 -9.38 13.13 -2.20
C ASP B 136 -8.49 12.31 -3.12
N GLY B 137 -7.43 11.75 -2.56
CA GLY B 137 -6.44 11.04 -3.33
C GLY B 137 -5.10 11.72 -3.29
N LEU B 138 -4.22 11.26 -4.15
CA LEU B 138 -2.84 11.78 -4.24
C LEU B 138 -2.74 13.23 -4.70
N GLN B 139 -3.84 13.83 -5.15
CA GLN B 139 -3.82 15.28 -5.44
C GLN B 139 -3.79 16.10 -4.16
N ALA B 140 -4.11 15.48 -3.01
CA ALA B 140 -4.00 16.17 -1.72
C ALA B 140 -2.54 16.49 -1.33
N ALA B 141 -1.56 15.91 -2.04
CA ALA B 141 -0.15 16.29 -1.90
C ALA B 141 0.07 17.73 -2.33
N PHE B 142 -0.60 18.11 -3.41
CA PHE B 142 -0.49 19.46 -3.93
C PHE B 142 -1.30 20.45 -3.09
N THR B 143 -2.44 19.98 -2.57
CA THR B 143 -3.22 20.75 -1.62
C THR B 143 -2.41 20.99 -0.36
N THR B 144 -1.58 20.02 0.01
CA THR B 144 -0.69 20.13 1.17
C THR B 144 0.30 21.28 0.95
N ALA B 145 0.92 21.28 -0.23
CA ALA B 145 1.87 22.29 -0.63
C ALA B 145 1.24 23.68 -0.74
N HIS B 146 0.04 23.76 -1.30
CA HIS B 146 -0.71 25.01 -1.38
C HIS B 146 -0.96 25.61 0.01
N GLU B 147 -1.49 24.82 0.93
CA GLU B 147 -1.83 25.34 2.27
C GLU B 147 -0.58 25.77 3.04
N LEU B 148 0.49 25.00 2.92
CA LEU B 148 1.76 25.38 3.48
C LEU B 148 2.29 26.71 2.89
N GLY B 149 1.93 27.00 1.65
CA GLY B 149 2.24 28.29 1.05
C GLY B 149 1.61 29.43 1.83
N HIS B 150 0.33 29.30 2.13
CA HIS B 150 -0.35 30.28 2.98
C HIS B 150 0.35 30.42 4.35
N VAL B 151 0.74 29.30 4.93
CA VAL B 151 1.48 29.32 6.20
C VAL B 151 2.77 30.14 6.03
N PHE B 152 3.39 30.01 4.86
CA PHE B 152 4.59 30.78 4.51
C PHE B 152 4.29 32.17 3.93
N ASN B 153 3.08 32.67 4.18
CA ASN B 153 2.69 34.06 3.84
C ASN B 153 2.41 34.28 2.34
N MET B 154 2.17 33.21 1.60
CA MET B 154 1.82 33.35 0.18
C MET B 154 0.32 33.53 0.02
N PRO B 155 -0.11 34.57 -0.73
CA PRO B 155 -1.52 34.68 -1.13
C PRO B 155 -1.74 34.00 -2.47
N HIS B 156 -2.99 34.03 -2.97
CA HIS B 156 -3.28 33.43 -4.27
C HIS B 156 -2.73 34.28 -5.40
N ASP B 157 -2.39 33.63 -6.51
CA ASP B 157 -1.69 34.30 -7.61
C ASP B 157 -2.56 35.30 -8.38
N ASP B 158 -3.86 35.31 -8.08
CA ASP B 158 -4.82 36.25 -8.67
C ASP B 158 -5.25 37.33 -7.69
N ALA B 159 -4.60 37.38 -6.53
CA ALA B 159 -4.80 38.48 -5.59
C ALA B 159 -4.27 39.77 -6.21
N LYS B 160 -4.78 40.91 -5.79
CA LYS B 160 -4.34 42.20 -6.35
C LYS B 160 -2.89 42.50 -5.95
N GLN B 161 -2.38 41.78 -4.95
CA GLN B 161 -0.99 41.94 -4.50
C GLN B 161 -0.03 41.30 -5.50
N CYS B 162 -0.44 40.17 -6.08
CA CYS B 162 0.38 39.45 -7.04
C CYS B 162 0.24 39.98 -8.45
N ALA B 163 -0.68 40.91 -8.65
CA ALA B 163 -1.01 41.41 -9.98
C ALA B 163 0.24 41.94 -10.68
N SER B 164 0.98 42.82 -10.00
CA SER B 164 2.20 43.42 -10.54
C SER B 164 3.36 42.43 -10.66
N LEU B 165 3.52 41.57 -9.66
CA LEU B 165 4.59 40.55 -9.66
C LEU B 165 4.40 39.46 -10.71
N ASN B 166 3.15 39.05 -10.94
CA ASN B 166 2.82 37.96 -11.88
C ASN B 166 2.48 38.45 -13.29
N SER B 172 -1.81 28.54 -13.31
CA SER B 172 -0.70 27.70 -13.75
C SER B 172 0.36 27.40 -12.67
N HIS B 173 0.21 27.97 -11.46
CA HIS B 173 1.19 27.80 -10.36
C HIS B 173 0.52 27.31 -9.06
N MET B 174 1.33 27.02 -8.05
CA MET B 174 0.86 26.35 -6.83
C MET B 174 -0.19 27.11 -6.02
N MET B 175 -0.12 28.45 -6.07
CA MET B 175 -1.01 29.31 -5.28
C MET B 175 -2.17 29.90 -6.07
N ALA B 176 -2.59 29.21 -7.13
CA ALA B 176 -3.82 29.57 -7.84
C ALA B 176 -5.03 29.47 -6.90
N SER B 177 -6.01 30.34 -7.12
CA SER B 177 -7.24 30.36 -6.30
C SER B 177 -8.15 29.16 -6.60
N MET B 178 -7.98 28.58 -7.80
CA MET B 178 -8.78 27.44 -8.26
C MET B 178 -7.91 26.50 -9.08
N LEU B 179 -8.38 25.27 -9.26
CA LEU B 179 -7.60 24.21 -9.90
C LEU B 179 -7.38 24.39 -11.41
N SER B 180 -6.20 23.96 -11.89
CA SER B 180 -5.82 24.14 -13.30
C SER B 180 -4.54 23.32 -13.65
N ASN B 181 -3.98 23.52 -14.85
CA ASN B 181 -2.74 22.82 -15.24
C ASN B 181 -1.48 23.41 -14.60
N LEU B 182 -0.78 22.61 -13.79
CA LEU B 182 0.44 23.05 -13.12
C LEU B 182 1.60 23.21 -14.11
N ASP B 183 2.26 24.37 -14.10
CA ASP B 183 3.50 24.53 -14.88
C ASP B 183 4.65 23.87 -14.11
N HIS B 184 5.04 22.68 -14.55
CA HIS B 184 6.06 21.89 -13.85
C HIS B 184 7.49 22.42 -13.99
N SER B 185 7.74 23.30 -14.96
CA SER B 185 9.04 23.97 -15.08
C SER B 185 9.20 25.12 -14.06
N GLN B 186 8.09 25.67 -13.59
CA GLN B 186 8.11 26.53 -12.41
C GLN B 186 6.75 26.52 -11.69
N PRO B 187 6.61 25.64 -10.68
CA PRO B 187 5.38 25.56 -9.89
C PRO B 187 5.07 26.78 -9.03
N TRP B 188 6.09 27.51 -8.58
CA TRP B 188 5.91 28.68 -7.71
C TRP B 188 5.99 29.97 -8.53
N SER B 189 4.92 30.75 -8.51
CA SER B 189 4.88 32.03 -9.23
C SER B 189 5.93 33.02 -8.73
N PRO B 190 6.27 34.02 -9.57
CA PRO B 190 7.16 35.10 -9.06
C PRO B 190 6.61 35.75 -7.78
N CYS B 191 5.30 35.87 -7.65
CA CYS B 191 4.67 36.44 -6.46
C CYS B 191 4.90 35.65 -5.18
N SER B 192 4.66 34.34 -5.26
CA SER B 192 4.91 33.38 -4.17
C SER B 192 6.34 33.47 -3.68
N ALA B 193 7.27 33.35 -4.62
CA ALA B 193 8.70 33.41 -4.34
C ALA B 193 9.08 34.67 -3.57
N TYR B 194 8.65 35.82 -4.07
CA TYR B 194 8.90 37.07 -3.38
C TYR B 194 8.30 37.02 -1.97
N MET B 195 7.04 36.62 -1.85
CA MET B 195 6.34 36.67 -0.57
C MET B 195 6.97 35.76 0.48
N ILE B 196 7.38 34.54 0.11
CA ILE B 196 8.12 33.67 1.03
C ILE B 196 9.50 34.28 1.39
N THR B 197 10.24 34.76 0.38
CA THR B 197 11.60 35.28 0.59
C THR B 197 11.59 36.44 1.57
N SER B 198 10.65 37.35 1.35
CA SER B 198 10.46 38.51 2.20
C SER B 198 10.03 38.11 3.62
N PHE B 199 9.21 37.08 3.70
CA PHE B 199 8.71 36.57 4.98
C PHE B 199 9.87 36.14 5.84
N LEU B 200 10.78 35.39 5.22
CA LEU B 200 11.92 34.80 5.92
C LEU B 200 13.02 35.81 6.15
N ASP B 201 13.21 36.71 5.18
CA ASP B 201 14.08 37.90 5.36
C ASP B 201 13.69 38.67 6.61
N ASN B 202 12.40 38.99 6.70
CA ASN B 202 11.86 39.79 7.80
C ASN B 202 11.90 39.11 9.17
N GLY B 203 12.27 37.84 9.20
CA GLY B 203 12.56 37.14 10.45
C GLY B 203 11.43 36.26 10.96
N HIS B 204 10.45 35.96 10.12
CA HIS B 204 9.30 35.17 10.56
C HIS B 204 9.51 33.65 10.46
N GLY B 205 10.63 33.22 9.91
CA GLY B 205 10.97 31.80 9.89
C GLY B 205 12.14 31.45 10.77
N GLU B 206 12.25 32.15 11.90
CA GLU B 206 13.35 31.97 12.86
C GLU B 206 13.39 30.56 13.46
N CYS B 207 12.22 29.96 13.67
CA CYS B 207 12.11 28.60 14.24
C CYS B 207 12.47 27.48 13.26
N LEU B 208 12.71 27.82 12.00
CA LEU B 208 13.07 26.82 11.00
C LEU B 208 14.58 26.56 10.88
N MET B 209 15.39 27.24 11.69
CA MET B 209 16.84 27.17 11.52
C MET B 209 17.46 25.92 12.12
N ASP B 210 16.75 25.30 13.06
CA ASP B 210 17.27 24.09 13.71
C ASP B 210 17.06 22.84 12.88
N LYS B 211 18.13 22.04 12.80
CA LYS B 211 18.10 20.74 12.14
C LYS B 211 17.18 19.78 12.93
N PRO B 212 16.39 18.95 12.23
CA PRO B 212 15.58 17.95 12.94
C PRO B 212 16.42 16.86 13.60
N GLN B 213 15.95 16.39 14.75
CA GLN B 213 16.55 15.25 15.42
C GLN B 213 15.82 14.00 14.97
N ASN B 214 16.58 13.02 14.47
CA ASN B 214 16.04 11.80 13.83
C ASN B 214 14.65 11.99 13.21
N PRO B 215 14.61 12.64 12.03
CA PRO B 215 13.33 12.79 11.35
C PRO B 215 12.85 11.46 10.77
N ILE B 216 11.53 11.34 10.57
CA ILE B 216 10.96 10.12 9.98
C ILE B 216 11.26 10.10 8.48
N GLN B 217 11.85 9.00 8.03
CA GLN B 217 12.31 8.86 6.66
C GLN B 217 11.12 9.01 5.72
N LEU B 218 11.28 9.89 4.72
CA LEU B 218 10.29 10.07 3.66
C LEU B 218 10.61 9.10 2.53
N PRO B 219 9.57 8.59 1.86
CA PRO B 219 9.75 7.81 0.63
C PRO B 219 10.40 8.64 -0.46
N GLY B 220 11.39 8.08 -1.15
CA GLY B 220 12.08 8.76 -2.22
C GLY B 220 11.74 8.25 -3.61
N ASP B 221 11.02 7.14 -3.67
CA ASP B 221 10.45 6.67 -4.92
C ASP B 221 9.21 7.53 -5.22
N LEU B 222 8.82 7.61 -6.49
CA LEU B 222 7.68 8.44 -6.90
C LEU B 222 6.33 7.82 -6.51
N PRO B 223 5.30 8.65 -6.29
CA PRO B 223 4.04 8.21 -5.67
C PRO B 223 3.29 7.11 -6.43
N GLY B 224 3.33 7.15 -7.73
CA GLY B 224 2.72 6.12 -8.53
C GLY B 224 3.44 4.77 -8.49
N THR B 225 4.63 4.70 -7.90
CA THR B 225 5.40 3.44 -7.89
C THR B 225 4.85 2.44 -6.89
N SER B 226 4.38 2.91 -5.74
CA SER B 226 3.72 2.02 -4.78
C SER B 226 2.23 1.83 -5.09
N TYR B 227 1.61 2.87 -5.68
CA TYR B 227 0.17 2.93 -5.91
C TYR B 227 -0.18 2.92 -7.40
N ASP B 228 -0.76 1.84 -7.86
CA ASP B 228 -1.16 1.75 -9.27
C ASP B 228 -2.44 2.54 -9.54
N ALA B 229 -2.86 2.60 -10.80
CA ALA B 229 -4.05 3.40 -11.16
C ALA B 229 -5.29 2.96 -10.36
N ASN B 230 -5.57 1.67 -10.27
CA ASN B 230 -6.67 1.14 -9.41
C ASN B 230 -6.63 1.67 -7.99
N ARG B 231 -5.45 1.61 -7.36
CA ARG B 231 -5.24 2.20 -6.05
C ARG B 231 -5.55 3.69 -5.98
N GLN B 232 -5.19 4.43 -7.01
CA GLN B 232 -5.46 5.87 -7.09
C GLN B 232 -6.94 6.22 -7.25
N CYS B 233 -7.64 5.45 -8.10
CA CYS B 233 -9.11 5.51 -8.18
C CYS B 233 -9.82 5.25 -6.84
N GLN B 234 -9.33 4.26 -6.09
CA GLN B 234 -9.88 4.02 -4.75
C GLN B 234 -9.74 5.19 -3.81
N PHE B 235 -8.61 5.87 -3.85
CA PHE B 235 -8.39 7.01 -2.96
C PHE B 235 -9.40 8.16 -3.23
N THR B 236 -9.85 8.29 -4.47
CA THR B 236 -10.76 9.37 -4.83
C THR B 236 -12.22 8.98 -4.73
N PHE B 237 -12.59 7.85 -5.29
CA PHE B 237 -13.99 7.50 -5.45
C PHE B 237 -14.41 6.36 -4.57
N GLY B 238 -13.45 5.80 -3.82
CA GLY B 238 -13.77 4.83 -2.82
C GLY B 238 -13.31 3.43 -3.13
N GLU B 239 -13.55 2.59 -2.15
CA GLU B 239 -12.96 1.28 -2.03
C GLU B 239 -13.25 0.33 -3.20
N ASP B 240 -14.36 0.52 -3.91
CA ASP B 240 -14.76 -0.40 -5.01
C ASP B 240 -14.44 0.13 -6.41
N SER B 241 -13.97 1.36 -6.49
CA SER B 241 -13.64 1.97 -7.75
C SER B 241 -12.34 1.38 -8.26
N LYS B 242 -12.25 1.21 -9.57
CA LYS B 242 -11.02 0.82 -10.18
C LYS B 242 -10.77 1.67 -11.41
N HIS B 243 -9.57 1.56 -11.95
CA HIS B 243 -9.25 2.22 -13.19
C HIS B 243 -10.25 1.81 -14.27
N CYS B 244 -10.66 2.77 -15.09
CA CYS B 244 -11.73 2.55 -16.07
C CYS B 244 -11.16 1.85 -17.29
N THR B 250 -2.46 6.12 -20.37
CA THR B 250 -2.54 7.49 -20.88
C THR B 250 -1.93 8.58 -19.99
N CYS B 251 -2.00 8.43 -18.66
CA CYS B 251 -1.35 9.37 -17.73
C CYS B 251 -1.97 10.78 -17.62
N SER B 252 -2.60 11.26 -18.69
CA SER B 252 -3.14 12.63 -18.78
C SER B 252 -4.36 12.88 -17.87
N THR B 253 -5.25 11.89 -17.79
CA THR B 253 -6.46 11.99 -16.96
C THR B 253 -6.78 10.63 -16.37
N LEU B 254 -6.97 10.59 -15.05
CA LEU B 254 -7.36 9.36 -14.37
C LEU B 254 -8.88 9.20 -14.37
N TRP B 255 -9.35 8.19 -15.12
CA TRP B 255 -10.77 7.82 -15.16
C TRP B 255 -10.97 6.55 -14.35
N CYS B 256 -12.07 6.53 -13.59
CA CYS B 256 -12.35 5.53 -12.55
C CYS B 256 -13.80 5.05 -12.61
N THR B 257 -14.04 3.82 -12.16
CA THR B 257 -15.38 3.25 -12.26
C THR B 257 -16.27 3.76 -11.14
N GLY B 258 -17.58 3.73 -11.42
CA GLY B 258 -18.60 4.07 -10.45
C GLY B 258 -19.90 3.44 -10.89
N LEU B 264 -20.84 0.11 -18.89
CA LEU B 264 -19.77 0.66 -18.08
C LEU B 264 -20.10 2.11 -17.70
N VAL B 265 -19.76 2.49 -16.46
CA VAL B 265 -19.89 3.88 -15.96
C VAL B 265 -18.59 4.32 -15.33
N CYS B 266 -18.10 5.49 -15.76
CA CYS B 266 -16.81 5.99 -15.34
C CYS B 266 -16.89 7.47 -15.01
N GLN B 267 -15.91 7.92 -14.25
CA GLN B 267 -15.92 9.26 -13.64
C GLN B 267 -14.51 9.70 -13.39
N THR B 268 -14.35 11.01 -13.30
CA THR B 268 -13.03 11.60 -13.10
C THR B 268 -13.18 12.97 -12.48
N LYS B 269 -12.13 13.35 -11.73
CA LYS B 269 -11.99 14.72 -11.22
C LYS B 269 -10.95 15.53 -12.02
N HIS B 270 -10.47 14.94 -13.12
CA HIS B 270 -9.55 15.58 -14.09
C HIS B 270 -8.12 15.77 -13.64
N PHE B 271 -7.63 14.85 -12.82
CA PHE B 271 -6.24 14.86 -12.45
C PHE B 271 -5.48 13.89 -13.32
N PRO B 272 -4.16 14.14 -13.50
CA PRO B 272 -3.37 13.16 -14.25
C PRO B 272 -3.17 11.94 -13.37
N TRP B 273 -2.68 10.85 -13.93
CA TRP B 273 -2.22 9.73 -13.12
C TRP B 273 -1.02 10.27 -12.36
N ALA B 274 -0.81 9.83 -11.13
CA ALA B 274 0.34 10.28 -10.35
C ALA B 274 1.64 9.94 -11.05
N ASP B 275 2.66 10.79 -10.83
CA ASP B 275 4.03 10.51 -11.27
C ASP B 275 4.50 9.16 -10.73
N GLY B 276 4.99 8.30 -11.62
CA GLY B 276 5.51 7.00 -11.20
C GLY B 276 4.62 5.82 -11.54
N THR B 277 3.38 6.12 -11.93
CA THR B 277 2.40 5.09 -12.20
C THR B 277 2.74 4.36 -13.49
N SER B 278 2.57 3.04 -13.45
CA SER B 278 2.83 2.17 -14.59
C SER B 278 1.79 2.41 -15.69
N CYS B 279 2.27 2.65 -16.92
CA CYS B 279 1.42 2.81 -18.10
C CYS B 279 1.82 1.81 -19.19
N GLY B 280 2.46 0.72 -18.79
CA GLY B 280 2.90 -0.33 -19.71
C GLY B 280 4.21 -0.97 -19.28
N GLU B 281 4.73 -1.83 -20.15
CA GLU B 281 6.03 -2.45 -19.94
C GLU B 281 7.14 -1.41 -20.01
N GLY B 282 7.93 -1.33 -18.95
CA GLY B 282 9.08 -0.40 -18.88
C GLY B 282 8.73 1.06 -19.03
N LYS B 283 7.44 1.38 -18.90
CA LYS B 283 6.94 2.74 -19.14
C LYS B 283 6.10 3.18 -17.94
N TRP B 284 6.25 4.45 -17.57
CA TRP B 284 5.57 4.98 -16.36
C TRP B 284 5.24 6.46 -16.56
N CYS B 285 4.41 7.03 -15.67
CA CYS B 285 3.89 8.39 -15.90
C CYS B 285 4.75 9.47 -15.27
N ILE B 286 5.11 10.47 -16.08
CA ILE B 286 5.81 11.67 -15.61
C ILE B 286 5.15 12.94 -16.17
N ASN B 287 4.70 13.82 -15.28
CA ASN B 287 4.04 15.08 -15.66
C ASN B 287 2.91 14.87 -16.69
N GLY B 288 2.05 13.89 -16.43
CA GLY B 288 0.91 13.57 -17.29
C GLY B 288 1.23 12.80 -18.56
N LYS B 289 2.49 12.46 -18.77
CA LYS B 289 2.91 11.76 -19.99
C LYS B 289 3.47 10.39 -19.67
N CYS B 290 3.17 9.40 -20.51
CA CYS B 290 3.77 8.07 -20.45
C CYS B 290 5.16 8.08 -21.08
N VAL B 291 6.19 7.86 -20.27
CA VAL B 291 7.58 7.87 -20.75
C VAL B 291 8.29 6.60 -20.27
N ASN B 292 9.46 6.34 -20.84
CA ASN B 292 10.22 5.13 -20.51
C ASN B 292 10.86 5.18 -19.12
N LYS B 293 10.85 4.02 -18.46
CA LYS B 293 11.56 3.81 -17.22
C LYS B 293 12.54 2.66 -17.45
N LEU B 294 13.81 3.01 -17.64
CA LEU B 294 14.85 2.01 -17.84
C LEU B 294 15.17 1.21 -16.59
N VAL B 295 15.18 1.86 -15.43
CA VAL B 295 15.48 1.15 -14.20
C VAL B 295 14.36 0.16 -13.90
N PRO B 296 14.70 -1.14 -13.77
CA PRO B 296 13.68 -2.15 -13.50
C PRO B 296 12.81 -1.90 -12.27
N ARG B 297 11.56 -2.37 -12.34
CA ARG B 297 10.70 -2.50 -11.17
C ARG B 297 10.05 -3.89 -11.20
#